data_9FD1
#
_entry.id   9FD1
#
_cell.length_a   61.155
_cell.length_b   100.628
_cell.length_c   103.268
_cell.angle_alpha   90.00
_cell.angle_beta   90.00
_cell.angle_gamma   90.00
#
_symmetry.space_group_name_H-M   'I 2 2 2'
#
loop_
_entity.id
_entity.type
_entity.pdbx_description
1 polymer 'Dolichyl-phosphate-mannose--protein mannosyltransferase'
2 non-polymer 1,2-ETHANEDIOL
3 non-polymer 'ACETATE ION'
4 non-polymer 'SODIUM ION'
5 water water
#
_entity_poly.entity_id   1
_entity_poly.type   'polypeptide(L)'
_entity_poly.pdbx_seq_one_letter_code
;MKHHHHHHPMAVTIDYWDTITIKHKETKAYLHSHPDRYPLRYDDGRVSSQGQQVTGYPFNDTNNWWQILPAGPFEEPKLG
RHVKHRDLVRLRHVGTDTYLLSHDVASPYYPTNQEFTTVSFNEAYGDRAADTLFEVRIEHGKPGQEFKSISSHFKLIHNP
SKVAMWTHPTPLPDWGHRQQEINGNKQIAPSSNVWLVEDIVSLPADHKRRE
;
_entity_poly.pdbx_strand_id   A
#
# COMPACT_ATOMS: atom_id res chain seq x y z
N HIS A 8 -18.69 -7.94 12.76
CA HIS A 8 -18.60 -8.61 11.46
C HIS A 8 -17.62 -9.79 11.58
N PRO A 9 -18.05 -10.99 11.17
CA PRO A 9 -17.16 -12.16 11.34
C PRO A 9 -15.84 -12.02 10.61
N MET A 10 -15.79 -11.27 9.52
CA MET A 10 -14.55 -11.09 8.78
C MET A 10 -13.77 -9.85 9.24
N ALA A 11 -14.19 -9.21 10.34
CA ALA A 11 -13.46 -8.09 10.92
C ALA A 11 -12.60 -8.64 12.06
N VAL A 12 -11.30 -8.68 11.81
CA VAL A 12 -10.32 -9.35 12.66
C VAL A 12 -9.13 -8.40 12.80
N THR A 13 -8.61 -8.29 14.01
CA THR A 13 -7.39 -7.50 14.20
C THR A 13 -6.25 -8.04 13.36
N ILE A 14 -5.59 -7.13 12.66
CA ILE A 14 -4.46 -7.40 11.78
C ILE A 14 -3.20 -7.33 12.61
N ASP A 15 -2.32 -8.30 12.41
CA ASP A 15 -1.03 -8.38 13.08
C ASP A 15 0.12 -8.18 12.09
N TYR A 16 1.22 -7.64 12.59
CA TYR A 16 2.43 -7.61 11.80
C TYR A 16 2.76 -9.01 11.31
N TRP A 17 3.27 -9.09 10.09
CA TRP A 17 3.62 -10.29 9.34
C TRP A 17 2.41 -10.93 8.67
N ASP A 18 1.19 -10.43 8.91
CA ASP A 18 0.05 -10.91 8.12
C ASP A 18 0.20 -10.46 6.67
N THR A 19 -0.38 -11.24 5.75
CA THR A 19 -0.55 -10.85 4.36
C THR A 19 -2.01 -10.47 4.15
N ILE A 20 -2.23 -9.32 3.51
CA ILE A 20 -3.54 -8.69 3.42
C ILE A 20 -3.79 -8.18 2.00
N THR A 21 -5.06 -7.95 1.71
CA THR A 21 -5.47 -7.20 0.52
C THR A 21 -6.01 -5.84 0.95
N ILE A 22 -5.73 -4.84 0.15
CA ILE A 22 -6.01 -3.45 0.47
C ILE A 22 -6.87 -2.89 -0.66
N LYS A 23 -8.10 -2.49 -0.33
CA LYS A 23 -9.11 -2.18 -1.33
C LYS A 23 -9.57 -0.74 -1.18
N HIS A 24 -9.67 -0.05 -2.30
CA HIS A 24 -10.08 1.34 -2.30
C HIS A 24 -11.59 1.43 -2.07
N LYS A 25 -12.01 2.24 -1.11
CA LYS A 25 -13.42 2.24 -0.75
C LYS A 25 -14.28 2.66 -1.94
N GLU A 26 -13.91 3.75 -2.63
CA GLU A 26 -14.79 4.30 -3.64
C GLU A 26 -14.71 3.58 -4.99
N THR A 27 -13.52 3.26 -5.49
CA THR A 27 -13.41 2.61 -6.79
C THR A 27 -13.42 1.08 -6.73
N LYS A 28 -13.23 0.50 -5.54
CA LYS A 28 -13.19 -0.93 -5.31
C LYS A 28 -11.94 -1.59 -5.88
N ALA A 29 -10.95 -0.82 -6.31
CA ALA A 29 -9.73 -1.38 -6.85
C ALA A 29 -8.82 -1.87 -5.73
N TYR A 30 -8.11 -2.95 -5.98
CA TYR A 30 -7.13 -3.48 -5.04
C TYR A 30 -5.75 -2.89 -5.31
N LEU A 31 -5.06 -2.50 -4.24
CA LEU A 31 -3.65 -2.14 -4.38
C LEU A 31 -2.88 -3.32 -4.97
N HIS A 32 -2.07 -3.06 -5.99
CA HIS A 32 -1.55 -4.11 -6.85
C HIS A 32 -0.17 -3.72 -7.34
N SER A 33 0.63 -4.73 -7.66
CA SER A 33 1.89 -4.48 -8.34
C SER A 33 2.21 -5.68 -9.22
N HIS A 34 3.22 -5.50 -10.06
CA HIS A 34 3.66 -6.49 -11.03
C HIS A 34 5.02 -6.03 -11.56
N PRO A 35 5.72 -6.85 -12.33
CA PRO A 35 7.12 -6.48 -12.65
C PRO A 35 7.28 -5.28 -13.58
N ASP A 36 6.27 -4.93 -14.36
CA ASP A 36 6.42 -3.85 -15.33
CA ASP A 36 6.46 -3.86 -15.33
C ASP A 36 6.76 -2.54 -14.63
N ARG A 37 7.51 -1.70 -15.34
CA ARG A 37 8.08 -0.48 -14.80
CA ARG A 37 8.07 -0.47 -14.80
C ARG A 37 7.41 0.75 -15.42
N TYR A 38 7.54 1.89 -14.74
CA TYR A 38 7.09 3.13 -15.34
C TYR A 38 7.97 3.47 -16.54
N PRO A 39 7.40 4.05 -17.59
CA PRO A 39 8.23 4.47 -18.74
C PRO A 39 9.15 5.61 -18.33
N LEU A 40 10.30 5.70 -19.02
CA LEU A 40 11.25 6.77 -18.77
C LEU A 40 10.57 8.13 -18.92
N ARG A 41 9.82 8.34 -19.99
CA ARG A 41 9.17 9.61 -20.25
C ARG A 41 7.66 9.46 -20.34
N TYR A 42 6.95 10.43 -19.80
CA TYR A 42 5.51 10.56 -20.00
C TYR A 42 5.25 11.44 -21.22
N ASP A 43 3.99 11.46 -21.66
CA ASP A 43 3.65 12.19 -22.88
C ASP A 43 4.01 13.67 -22.80
N ASP A 44 3.96 14.27 -21.61
CA ASP A 44 4.28 15.69 -21.46
C ASP A 44 5.78 15.94 -21.30
N GLY A 45 6.60 14.90 -21.42
CA GLY A 45 8.04 15.05 -21.33
C GLY A 45 8.63 14.84 -19.95
N ARG A 46 7.79 14.68 -18.93
CA ARG A 46 8.33 14.45 -17.59
C ARG A 46 9.05 13.10 -17.55
N VAL A 47 9.95 12.98 -16.57
CA VAL A 47 10.78 11.79 -16.38
C VAL A 47 10.30 11.08 -15.13
N SER A 48 10.13 9.76 -15.22
CA SER A 48 9.73 8.97 -14.07
C SER A 48 10.97 8.36 -13.40
N SER A 49 10.74 7.66 -12.28
CA SER A 49 11.83 6.91 -11.67
C SER A 49 12.13 5.60 -12.37
N GLN A 50 11.29 5.19 -13.33
CA GLN A 50 11.39 3.89 -13.98
C GLN A 50 11.28 2.73 -13.01
N GLY A 51 10.72 3.00 -11.83
CA GLY A 51 10.51 1.95 -10.85
C GLY A 51 9.35 1.04 -11.21
N GLN A 52 9.25 -0.03 -10.43
CA GLN A 52 8.13 -0.96 -10.58
C GLN A 52 6.80 -0.22 -10.40
N GLN A 53 5.84 -0.54 -11.26
CA GLN A 53 4.51 0.07 -11.19
C GLN A 53 3.75 -0.41 -9.96
N VAL A 54 2.96 0.50 -9.38
CA VAL A 54 1.99 0.20 -8.35
C VAL A 54 0.66 0.72 -8.88
N THR A 55 -0.36 -0.12 -8.88
CA THR A 55 -1.60 0.17 -9.59
C THR A 55 -2.80 -0.23 -8.73
N GLY A 56 -3.98 0.12 -9.21
CA GLY A 56 -5.24 -0.38 -8.68
C GLY A 56 -5.86 -1.34 -9.69
N TYR A 57 -6.20 -2.54 -9.22
CA TYR A 57 -6.65 -3.63 -10.06
C TYR A 57 -8.01 -4.12 -9.59
N PRO A 58 -8.95 -4.36 -10.51
CA PRO A 58 -10.32 -4.65 -10.07
C PRO A 58 -10.57 -6.09 -9.64
N PHE A 59 -9.72 -7.03 -10.04
CA PHE A 59 -10.00 -8.44 -9.90
C PHE A 59 -9.11 -9.04 -8.82
N ASN A 60 -9.40 -10.29 -8.47
CA ASN A 60 -8.65 -10.97 -7.42
C ASN A 60 -7.53 -11.77 -8.06
N ASP A 61 -6.28 -11.48 -7.67
CA ASP A 61 -5.16 -12.36 -8.00
C ASP A 61 -4.04 -12.16 -6.99
N THR A 62 -3.02 -13.01 -7.10
CA THR A 62 -1.96 -13.01 -6.09
C THR A 62 -1.17 -11.70 -6.08
N ASN A 63 -1.22 -10.92 -7.16
CA ASN A 63 -0.51 -9.64 -7.20
C ASN A 63 -1.18 -8.57 -6.35
N ASN A 64 -2.32 -8.89 -5.72
CA ASN A 64 -2.96 -8.02 -4.74
C ASN A 64 -2.43 -8.24 -3.32
N TRP A 65 -1.52 -9.17 -3.09
CA TRP A 65 -1.18 -9.58 -1.75
C TRP A 65 0.02 -8.80 -1.22
N TRP A 66 -0.14 -8.21 -0.03
CA TRP A 66 0.90 -7.43 0.61
C TRP A 66 1.08 -7.89 2.05
N GLN A 67 2.33 -8.04 2.46
CA GLN A 67 2.64 -8.40 3.84
C GLN A 67 2.93 -7.12 4.62
N ILE A 68 2.22 -6.93 5.72
CA ILE A 68 2.39 -5.73 6.54
C ILE A 68 3.46 -5.99 7.59
N LEU A 69 4.44 -5.10 7.66
CA LEU A 69 5.66 -5.33 8.41
C LEU A 69 6.02 -4.12 9.25
N PRO A 70 6.81 -4.31 10.30
CA PRO A 70 7.17 -3.18 11.17
C PRO A 70 8.08 -2.16 10.48
N ALA A 71 7.89 -0.88 10.88
N ALA A 71 8.26 -1.06 11.18
CA ALA A 71 8.99 0.10 10.93
CA ALA A 71 8.97 0.05 10.60
C ALA A 71 9.90 -0.50 11.98
C ALA A 71 10.45 0.15 10.95
N GLY A 72 11.11 -0.82 11.62
CA GLY A 72 12.39 -0.27 12.02
C GLY A 72 13.35 -1.26 11.38
N PRO A 73 14.39 -1.67 12.07
CA PRO A 73 15.30 -2.66 11.48
C PRO A 73 14.63 -4.02 11.28
N PHE A 74 15.21 -4.80 10.39
CA PHE A 74 14.73 -6.15 10.16
C PHE A 74 14.74 -6.96 11.46
N GLU A 75 13.69 -7.76 11.64
CA GLU A 75 13.62 -8.72 12.73
C GLU A 75 12.89 -9.96 12.22
N GLU A 76 13.20 -11.10 12.83
CA GLU A 76 12.53 -12.34 12.47
C GLU A 76 11.06 -12.29 12.87
N PRO A 77 10.20 -13.00 12.15
CA PRO A 77 8.76 -12.90 12.42
C PRO A 77 8.39 -13.24 13.87
N LYS A 78 7.43 -12.48 14.39
CA LYS A 78 6.83 -12.72 15.70
C LYS A 78 5.33 -12.80 15.51
N LEU A 79 4.67 -13.55 16.39
CA LEU A 79 3.23 -13.69 16.33
C LEU A 79 2.54 -12.77 17.33
N GLY A 80 1.36 -12.31 16.95
CA GLY A 80 0.48 -11.64 17.91
C GLY A 80 0.74 -10.18 18.14
N ARG A 81 1.55 -9.52 17.31
CA ARG A 81 1.82 -8.10 17.48
C ARG A 81 0.79 -7.34 16.65
N HIS A 82 -0.22 -6.78 17.33
CA HIS A 82 -1.30 -6.11 16.61
C HIS A 82 -0.81 -4.81 15.99
N VAL A 83 -1.27 -4.52 14.78
CA VAL A 83 -1.11 -3.20 14.19
C VAL A 83 -2.14 -2.28 14.83
N LYS A 84 -1.74 -1.04 15.12
CA LYS A 84 -2.59 -0.08 15.80
C LYS A 84 -2.64 1.23 15.03
N HIS A 85 -3.68 2.00 15.34
CA HIS A 85 -3.88 3.32 14.76
C HIS A 85 -2.61 4.16 14.85
N ARG A 86 -2.24 4.73 13.71
CA ARG A 86 -1.08 5.61 13.51
C ARG A 86 0.27 4.91 13.61
N ASP A 87 0.28 3.58 13.68
CA ASP A 87 1.54 2.88 13.54
C ASP A 87 2.16 3.17 12.18
N LEU A 88 3.49 3.22 12.14
CA LEU A 88 4.24 3.20 10.89
C LEU A 88 4.49 1.76 10.48
N VAL A 89 4.31 1.50 9.19
CA VAL A 89 4.44 0.16 8.65
C VAL A 89 5.16 0.19 7.31
N ARG A 90 5.66 -0.97 6.92
CA ARG A 90 6.04 -1.25 5.54
C ARG A 90 5.03 -2.23 4.95
N LEU A 91 4.95 -2.23 3.61
CA LEU A 91 4.11 -3.16 2.88
C LEU A 91 4.97 -3.86 1.84
N ARG A 92 5.09 -5.19 1.96
CA ARG A 92 5.91 -5.99 1.06
C ARG A 92 5.00 -6.68 0.05
N HIS A 93 5.23 -6.40 -1.23
CA HIS A 93 4.49 -7.06 -2.30
C HIS A 93 4.97 -8.50 -2.40
N VAL A 94 4.07 -9.44 -2.13
CA VAL A 94 4.49 -10.83 -2.02
C VAL A 94 4.96 -11.38 -3.35
N GLY A 95 4.27 -11.05 -4.44
CA GLY A 95 4.57 -11.65 -5.72
C GLY A 95 5.91 -11.23 -6.32
N THR A 96 6.44 -10.08 -5.90
CA THR A 96 7.72 -9.62 -6.42
C THR A 96 8.78 -9.46 -5.32
N ASP A 97 8.42 -9.69 -4.05
CA ASP A 97 9.33 -9.50 -2.92
C ASP A 97 9.99 -8.13 -2.95
N THR A 98 9.16 -7.09 -3.08
CA THR A 98 9.60 -5.69 -3.06
C THR A 98 8.73 -4.94 -2.06
N TYR A 99 9.16 -3.71 -1.74
CA TYR A 99 8.59 -2.94 -0.64
C TYR A 99 8.03 -1.63 -1.17
N LEU A 100 6.80 -1.31 -0.78
CA LEU A 100 6.15 -0.09 -1.22
C LEU A 100 6.97 1.13 -0.83
N LEU A 101 7.03 2.10 -1.74
CA LEU A 101 7.81 3.32 -1.53
C LEU A 101 7.11 4.47 -2.24
N SER A 102 7.15 5.65 -1.62
CA SER A 102 6.81 6.87 -2.34
C SER A 102 7.96 7.85 -2.17
N HIS A 103 8.01 8.83 -3.07
CA HIS A 103 9.07 9.81 -3.09
C HIS A 103 8.62 10.99 -3.94
N ASP A 104 9.37 12.08 -3.84
CA ASP A 104 9.00 13.33 -4.51
C ASP A 104 9.46 13.33 -5.97
N VAL A 105 8.92 12.36 -6.71
CA VAL A 105 8.98 12.26 -8.16
C VAL A 105 7.54 12.30 -8.63
N ALA A 106 7.27 13.11 -9.66
CA ALA A 106 5.89 13.30 -10.09
C ALA A 106 5.32 12.03 -10.72
N SER A 107 4.05 11.77 -10.42
CA SER A 107 3.33 10.58 -10.81
C SER A 107 2.93 10.62 -12.28
N PRO A 108 2.43 9.48 -12.80
CA PRO A 108 2.08 9.45 -14.24
C PRO A 108 1.13 10.53 -14.71
N TYR A 109 0.01 10.75 -14.02
CA TYR A 109 -0.98 11.67 -14.51
C TYR A 109 -1.07 12.98 -13.74
N TYR A 110 -0.47 13.06 -12.56
CA TYR A 110 -0.61 14.23 -11.68
C TYR A 110 0.76 14.81 -11.35
N PRO A 111 1.20 15.85 -12.05
CA PRO A 111 2.48 16.48 -11.71
C PRO A 111 2.62 16.91 -10.26
N THR A 112 1.50 17.14 -9.58
CA THR A 112 1.53 17.57 -8.19
C THR A 112 1.61 16.41 -7.19
N ASN A 113 1.41 15.17 -7.62
CA ASN A 113 1.28 14.04 -6.71
C ASN A 113 2.49 13.13 -6.84
N GLN A 114 2.86 12.51 -5.72
CA GLN A 114 4.04 11.67 -5.69
C GLN A 114 3.83 10.30 -6.33
N GLU A 115 4.84 9.86 -7.06
CA GLU A 115 4.88 8.50 -7.57
C GLU A 115 4.90 7.49 -6.43
N PHE A 116 4.21 6.37 -6.62
CA PHE A 116 4.31 5.20 -5.76
C PHE A 116 4.99 4.09 -6.56
N THR A 117 5.94 3.40 -5.94
CA THR A 117 6.69 2.34 -6.61
C THR A 117 7.07 1.31 -5.56
N THR A 118 7.99 0.41 -5.90
CA THR A 118 8.50 -0.52 -4.90
C THR A 118 10.02 -0.59 -5.03
N VAL A 119 10.66 -1.07 -3.96
CA VAL A 119 12.12 -1.18 -3.91
C VAL A 119 12.53 -2.51 -3.28
N SER A 120 13.82 -2.82 -3.39
CA SER A 120 14.34 -4.07 -2.89
C SER A 120 14.45 -4.05 -1.37
N PHE A 121 14.65 -5.24 -0.80
CA PHE A 121 14.93 -5.37 0.62
C PHE A 121 16.11 -4.49 1.04
N ASN A 122 17.19 -4.55 0.27
CA ASN A 122 18.39 -3.80 0.63
CA ASN A 122 18.40 -3.80 0.62
C ASN A 122 18.13 -2.30 0.64
N GLU A 123 17.28 -1.82 -0.29
CA GLU A 123 16.92 -0.41 -0.27
C GLU A 123 15.99 -0.07 0.89
N ALA A 124 15.01 -0.95 1.16
CA ALA A 124 13.99 -0.68 2.16
C ALA A 124 14.54 -0.67 3.58
N TYR A 125 15.59 -1.45 3.84
CA TYR A 125 16.24 -1.48 5.14
C TYR A 125 17.57 -0.77 5.12
N GLY A 126 17.85 -0.03 4.04
CA GLY A 126 19.07 0.71 3.89
C GLY A 126 18.80 2.17 3.60
N ASP A 127 19.38 2.68 2.52
CA ASP A 127 19.41 4.12 2.29
C ASP A 127 18.04 4.70 1.95
N ARG A 128 17.08 3.89 1.50
CA ARG A 128 15.76 4.40 1.18
C ARG A 128 14.72 4.05 2.23
N ALA A 129 15.15 3.64 3.42
CA ALA A 129 14.22 3.12 4.39
C ALA A 129 13.11 4.12 4.73
N ALA A 130 13.47 5.38 4.96
CA ALA A 130 12.47 6.36 5.41
C ALA A 130 11.32 6.46 4.41
N ASP A 131 11.61 6.31 3.13
CA ASP A 131 10.60 6.46 2.09
C ASP A 131 9.70 5.25 1.98
N THR A 132 9.99 4.15 2.70
CA THR A 132 9.15 2.96 2.71
C THR A 132 8.18 2.93 3.89
N LEU A 133 8.16 3.95 4.74
CA LEU A 133 7.34 3.95 5.94
C LEU A 133 6.02 4.71 5.70
N PHE A 134 4.92 4.06 6.07
CA PHE A 134 3.59 4.61 5.88
C PHE A 134 2.82 4.51 7.19
N GLU A 135 2.07 5.55 7.51
CA GLU A 135 1.23 5.56 8.69
C GLU A 135 -0.17 5.04 8.35
N VAL A 136 -0.65 4.09 9.15
CA VAL A 136 -2.01 3.58 9.02
C VAL A 136 -2.91 4.46 9.88
N ARG A 137 -3.63 5.38 9.25
CA ARG A 137 -4.46 6.34 9.99
C ARG A 137 -5.91 5.88 9.87
N ILE A 138 -6.43 5.29 10.95
CA ILE A 138 -7.78 4.74 10.92
C ILE A 138 -8.78 5.90 10.98
N GLU A 139 -9.77 5.86 10.09
CA GLU A 139 -10.86 6.83 10.14
C GLU A 139 -11.54 6.76 11.51
N HIS A 140 -11.68 7.91 12.16
CA HIS A 140 -12.25 8.01 13.50
C HIS A 140 -11.45 7.22 14.54
N GLY A 141 -10.18 6.97 14.27
CA GLY A 141 -9.39 6.15 15.16
C GLY A 141 -9.10 6.84 16.49
N LYS A 142 -8.92 6.02 17.51
CA LYS A 142 -8.52 6.50 18.81
C LYS A 142 -7.18 5.90 19.19
N PRO A 143 -6.45 6.54 20.10
CA PRO A 143 -5.12 6.02 20.46
C PRO A 143 -5.22 4.59 20.95
N GLY A 144 -4.33 3.75 20.42
CA GLY A 144 -4.25 2.36 20.77
C GLY A 144 -5.24 1.46 20.07
N GLN A 145 -6.12 2.02 19.24
CA GLN A 145 -7.12 1.20 18.58
C GLN A 145 -6.48 0.20 17.63
N GLU A 146 -6.96 -1.03 17.70
CA GLU A 146 -6.46 -2.09 16.83
C GLU A 146 -6.98 -1.91 15.40
N PHE A 147 -6.07 -2.12 14.44
CA PHE A 147 -6.39 -2.10 13.02
C PHE A 147 -7.04 -3.42 12.65
N LYS A 148 -8.25 -3.36 12.10
CA LYS A 148 -9.02 -4.56 11.80
C LYS A 148 -9.38 -4.64 10.31
N SER A 149 -9.38 -5.86 9.79
CA SER A 149 -9.95 -6.06 8.48
C SER A 149 -11.41 -5.64 8.47
N ILE A 150 -11.86 -5.17 7.30
CA ILE A 150 -13.22 -4.76 7.02
C ILE A 150 -13.65 -3.48 7.73
N SER A 151 -13.55 -3.45 9.05
CA SER A 151 -14.16 -2.33 9.77
C SER A 151 -13.26 -1.11 9.88
N SER A 152 -11.94 -1.27 9.79
CA SER A 152 -11.05 -0.11 9.89
C SER A 152 -10.85 0.54 8.53
N HIS A 153 -11.72 1.46 8.16
CA HIS A 153 -11.43 2.30 7.00
C HIS A 153 -10.24 3.17 7.39
N PHE A 154 -9.32 3.38 6.45
CA PHE A 154 -8.09 4.05 6.81
C PHE A 154 -7.53 4.84 5.63
N LYS A 155 -6.65 5.78 5.96
CA LYS A 155 -5.82 6.46 4.98
C LYS A 155 -4.38 6.05 5.25
N LEU A 156 -3.60 5.86 4.18
CA LEU A 156 -2.22 5.41 4.26
C LEU A 156 -1.33 6.61 3.94
N ILE A 157 -0.65 7.13 4.95
CA ILE A 157 0.04 8.41 4.87
C ILE A 157 1.54 8.16 4.78
N HIS A 158 2.15 8.63 3.70
CA HIS A 158 3.58 8.49 3.54
C HIS A 158 4.30 9.29 4.62
N ASN A 159 5.20 8.64 5.33
CA ASN A 159 5.69 9.31 6.53
C ASN A 159 6.56 10.53 6.24
N PRO A 160 7.47 10.48 5.27
CA PRO A 160 8.30 11.68 5.03
C PRO A 160 7.51 12.89 4.56
N SER A 161 6.53 12.69 3.69
CA SER A 161 5.90 13.77 2.94
C SER A 161 4.50 14.10 3.39
N LYS A 162 3.85 13.17 4.11
CA LYS A 162 2.46 13.27 4.53
C LYS A 162 1.47 13.23 3.36
N VAL A 163 1.87 12.72 2.19
CA VAL A 163 0.90 12.48 1.12
C VAL A 163 0.07 11.25 1.47
N ALA A 164 -1.17 11.22 1.00
CA ALA A 164 -2.05 10.09 1.19
C ALA A 164 -2.11 9.23 -0.06
N MET A 165 -2.05 7.91 0.12
CA MET A 165 -2.15 7.01 -1.03
C MET A 165 -3.54 7.16 -1.63
N TRP A 166 -3.58 7.40 -2.95
CA TRP A 166 -4.79 7.81 -3.63
C TRP A 166 -4.90 7.09 -4.96
N THR A 167 -6.15 6.96 -5.44
CA THR A 167 -6.40 6.45 -6.79
C THR A 167 -7.64 7.15 -7.31
N HIS A 168 -7.95 6.87 -8.58
CA HIS A 168 -9.03 7.52 -9.29
C HIS A 168 -9.36 6.65 -10.49
N PRO A 169 -10.49 6.90 -11.15
CA PRO A 169 -10.96 5.94 -12.16
C PRO A 169 -10.29 5.93 -13.53
N THR A 170 -9.75 7.04 -14.02
CA THR A 170 -9.29 7.05 -15.42
C THR A 170 -8.09 6.12 -15.56
N PRO A 171 -8.17 5.08 -16.39
CA PRO A 171 -7.08 4.10 -16.43
C PRO A 171 -5.77 4.68 -16.96
N LEU A 172 -4.68 4.06 -16.49
CA LEU A 172 -3.38 4.28 -17.08
C LEU A 172 -3.37 3.86 -18.54
N PRO A 173 -2.36 4.28 -19.29
CA PRO A 173 -2.21 3.79 -20.67
C PRO A 173 -1.89 2.30 -20.75
N ASP A 174 -1.72 1.81 -21.98
CA ASP A 174 -1.41 0.39 -22.18
C ASP A 174 -0.15 -0.03 -21.43
N TRP A 175 0.82 0.87 -21.25
CA TRP A 175 2.05 0.47 -20.56
C TRP A 175 1.75 0.06 -19.11
N GLY A 176 0.66 0.58 -18.53
CA GLY A 176 0.23 0.24 -17.19
C GLY A 176 -0.95 -0.72 -17.18
N HIS A 177 -1.14 -1.43 -18.29
CA HIS A 177 -2.14 -2.49 -18.40
C HIS A 177 -3.55 -1.94 -18.25
N ARG A 178 -3.74 -0.64 -18.48
CA ARG A 178 -5.04 0.01 -18.31
CA ARG A 178 -5.04 0.02 -18.31
C ARG A 178 -5.59 -0.17 -16.89
N GLN A 179 -4.70 -0.30 -15.90
CA GLN A 179 -5.07 -0.36 -14.50
C GLN A 179 -5.13 1.06 -13.94
N GLN A 180 -5.60 1.20 -12.70
CA GLN A 180 -5.68 2.52 -12.10
C GLN A 180 -4.32 2.98 -11.61
N GLU A 181 -4.10 4.29 -11.71
CA GLU A 181 -2.92 4.92 -11.13
C GLU A 181 -3.01 4.94 -9.60
N ILE A 182 -1.87 4.76 -8.94
CA ILE A 182 -1.73 4.98 -7.50
C ILE A 182 -0.73 6.11 -7.32
N ASN A 183 -1.09 7.16 -6.58
CA ASN A 183 -0.14 8.24 -6.33
C ASN A 183 -0.44 8.89 -4.99
N GLY A 184 0.40 9.87 -4.64
CA GLY A 184 0.32 10.50 -3.36
C GLY A 184 -0.36 11.85 -3.42
N ASN A 185 -1.55 11.90 -2.83
CA ASN A 185 -2.38 13.10 -2.78
C ASN A 185 -1.86 14.04 -1.70
N LYS A 186 -1.65 15.32 -2.05
CA LYS A 186 -1.18 16.26 -1.06
C LYS A 186 -2.25 16.61 -0.03
N GLN A 187 -3.52 16.47 -0.40
CA GLN A 187 -4.62 16.73 0.53
C GLN A 187 -5.05 15.41 1.15
N ILE A 188 -5.13 15.38 2.48
CA ILE A 188 -5.53 14.16 3.19
C ILE A 188 -7.05 14.07 3.39
N ALA A 189 -7.74 15.21 3.48
CA ALA A 189 -9.15 15.18 3.84
C ALA A 189 -10.05 14.39 2.89
N PRO A 190 -9.81 14.31 1.59
CA PRO A 190 -10.78 13.67 0.70
C PRO A 190 -11.13 12.24 1.04
N SER A 191 -12.40 11.92 0.86
CA SER A 191 -12.89 10.56 1.05
C SER A 191 -12.30 9.59 0.02
N SER A 192 -11.83 10.10 -1.11
CA SER A 192 -11.14 9.23 -2.08
C SER A 192 -9.79 8.75 -1.59
N ASN A 193 -9.33 9.17 -0.41
CA ASN A 193 -8.12 8.62 0.18
C ASN A 193 -8.40 7.40 1.05
N VAL A 194 -9.64 6.95 1.15
CA VAL A 194 -10.00 5.90 2.09
C VAL A 194 -9.85 4.51 1.45
N TRP A 195 -9.19 3.62 2.18
CA TRP A 195 -8.99 2.22 1.85
C TRP A 195 -9.53 1.35 3.00
N LEU A 196 -9.63 0.06 2.75
CA LEU A 196 -9.95 -0.91 3.78
C LEU A 196 -9.21 -2.19 3.47
N VAL A 197 -8.99 -3.01 4.48
CA VAL A 197 -8.39 -4.32 4.29
C VAL A 197 -9.52 -5.32 4.10
N GLU A 198 -9.56 -5.96 2.93
CA GLU A 198 -10.69 -6.85 2.66
C GLU A 198 -10.46 -8.25 3.24
N ASP A 199 -9.23 -8.76 3.16
CA ASP A 199 -8.96 -10.14 3.56
C ASP A 199 -7.60 -10.20 4.22
N ILE A 200 -7.51 -10.97 5.30
CA ILE A 200 -6.22 -11.38 5.86
C ILE A 200 -5.94 -12.73 5.20
N VAL A 201 -5.22 -12.68 4.07
CA VAL A 201 -5.01 -13.84 3.20
C VAL A 201 -4.27 -14.95 3.94
N SER A 202 -3.29 -14.58 4.76
CA SER A 202 -2.43 -15.57 5.40
C SER A 202 -3.09 -16.26 6.59
N LEU A 203 -4.21 -15.74 7.07
CA LEU A 203 -4.78 -16.23 8.33
C LEU A 203 -5.81 -17.31 8.02
N PRO A 204 -5.55 -18.58 8.35
CA PRO A 204 -6.46 -19.63 7.91
C PRO A 204 -7.85 -19.52 8.51
N ALA A 205 -8.81 -20.15 7.82
CA ALA A 205 -10.20 -20.04 8.19
C ALA A 205 -10.47 -20.63 9.58
N ASP A 206 -9.67 -21.60 10.01
CA ASP A 206 -9.88 -22.26 11.28
C ASP A 206 -9.00 -21.70 12.39
N HIS A 207 -8.35 -20.55 12.18
CA HIS A 207 -7.43 -20.06 13.19
C HIS A 207 -8.19 -19.48 14.38
N LYS A 208 -7.59 -19.61 15.57
CA LYS A 208 -8.16 -19.08 16.79
CA LYS A 208 -8.16 -19.08 16.79
C LYS A 208 -8.45 -17.59 16.69
N ARG A 209 -7.66 -16.85 15.91
CA ARG A 209 -7.87 -15.41 15.81
C ARG A 209 -9.22 -15.07 15.18
N ARG A 210 -9.85 -16.02 14.48
CA ARG A 210 -11.14 -15.79 13.86
C ARG A 210 -12.32 -16.16 14.77
N GLU A 211 -12.07 -16.71 15.94
CA GLU A 211 -13.15 -17.16 16.81
C GLU A 211 -13.83 -16.02 17.56
#